data_8QGR
#
_entry.id   8QGR
#
_cell.length_a   93.366
_cell.length_b   93.366
_cell.length_c   122.531
_cell.angle_alpha   90.000
_cell.angle_beta   90.000
_cell.angle_gamma   120.000
#
_symmetry.space_group_name_H-M   'P 6 2 2'
#
loop_
_entity.id
_entity.type
_entity.pdbx_description
1 polymer 'Capsid protein'
2 non-polymer 'ZINC ION'
3 water water
#
_entity_poly.entity_id   1
_entity_poly.type   'polypeptide(L)'
_entity_poly.pdbx_seq_one_letter_code
;MEKPYMIGANSNPNVINKSTTYTTTTQADEQDKPKYTTRLEFDTIDMIRFINDRGIKVLWEEAYFCPCLNPDTGHPRVDC
PRCHGKGIAYLPPKETIMAIQSQEKGTNQLDIGILDTGTAIGTTQLEKRISYRDRFTVPEVLMPQQMIYFVNKDRIKKGI
PLYYDVKEITYIATQDGTVYEEDYEIKNNRLYLNEKYENHTVTLKILMTLRYVVSDILKESRYQYTKFNQPKSKFENLPQ
KLLLKREDVIVLQDPYKVNDGIEEDLEIQVDDPKASASNPSNLGGFFGGAFK
;
_entity_poly.pdbx_strand_id   B
#
loop_
_chem_comp.id
_chem_comp.type
_chem_comp.name
_chem_comp.formula
ZN non-polymer 'ZINC ION' 'Zn 2'
#
# COMPACT_ATOMS: atom_id res chain seq x y z
N GLU A 41 4.37 12.92 33.43
CA GLU A 41 4.71 13.66 32.19
C GLU A 41 6.20 13.51 31.86
N PHE A 42 6.95 12.76 32.67
CA PHE A 42 8.36 12.55 32.39
C PHE A 42 8.50 11.46 31.33
N ASP A 43 7.50 10.57 31.25
CA ASP A 43 7.50 9.51 30.27
C ASP A 43 7.12 10.09 28.90
N THR A 44 6.35 11.18 28.91
CA THR A 44 5.91 11.84 27.70
C THR A 44 7.08 12.54 27.01
N ILE A 45 7.90 13.25 27.80
CA ILE A 45 8.98 14.05 27.24
C ILE A 45 10.04 13.12 26.65
N ASP A 46 10.19 11.93 27.24
CA ASP A 46 11.12 10.94 26.73
C ASP A 46 10.64 10.45 25.37
N MET A 47 9.33 10.39 25.20
CA MET A 47 8.76 9.80 24.01
C MET A 47 8.84 10.81 22.87
N ILE A 48 8.67 12.08 23.22
CA ILE A 48 8.75 13.16 22.25
C ILE A 48 10.17 13.26 21.73
N ARG A 49 11.13 13.00 22.61
CA ARG A 49 12.55 13.10 22.27
C ARG A 49 12.91 11.96 21.31
N PHE A 50 12.32 10.79 21.56
CA PHE A 50 12.57 9.61 20.73
C PHE A 50 12.09 9.88 19.31
N ILE A 51 10.87 10.41 19.18
CA ILE A 51 10.30 10.76 17.89
C ILE A 51 11.24 11.72 17.16
N ASN A 52 11.70 12.75 17.88
CA ASN A 52 12.56 13.77 17.30
C ASN A 52 13.92 13.19 16.97
N ASP A 53 14.45 12.32 17.82
CA ASP A 53 15.79 11.77 17.63
C ASP A 53 15.80 10.73 16.51
N ARG A 54 14.74 9.93 16.41
CA ARG A 54 14.81 8.75 15.56
C ARG A 54 13.73 8.76 14.49
N GLY A 55 12.91 9.83 14.47
CA GLY A 55 11.81 9.94 13.54
C GLY A 55 12.26 10.29 12.11
N ILE A 56 11.50 9.83 11.12
CA ILE A 56 11.77 10.15 9.73
C ILE A 56 10.54 10.86 9.18
N LYS A 57 10.75 11.63 8.11
CA LYS A 57 9.66 12.38 7.52
C LYS A 57 8.65 11.41 6.91
N VAL A 58 7.37 11.60 7.23
CA VAL A 58 6.32 10.79 6.66
C VAL A 58 5.16 11.71 6.26
N LEU A 59 4.25 11.17 5.44
CA LEU A 59 2.99 11.82 5.14
C LEU A 59 1.88 11.02 5.81
N TRP A 60 0.83 11.70 6.26
CA TRP A 60 -0.32 11.09 6.91
C TRP A 60 -1.59 11.38 6.11
N GLU A 61 -2.33 10.32 5.79
CA GLU A 61 -3.60 10.46 5.11
C GLU A 61 -4.71 9.92 5.99
N GLU A 62 -5.65 10.80 6.33
CA GLU A 62 -6.83 10.44 7.12
C GLU A 62 -7.74 9.59 6.26
N ALA A 63 -8.11 8.40 6.76
CA ALA A 63 -8.91 7.45 5.99
C ALA A 63 -10.39 7.46 6.41
N TYR A 64 -11.26 7.15 5.44
CA TYR A 64 -12.66 6.88 5.71
C TYR A 64 -13.14 5.80 4.76
N PHE A 65 -14.27 5.16 5.09
CA PHE A 65 -14.88 4.17 4.21
C PHE A 65 -15.51 4.89 3.02
N CYS A 66 -15.18 4.42 1.82
CA CYS A 66 -15.62 5.06 0.60
C CYS A 66 -17.10 4.76 0.38
N PRO A 67 -17.93 5.80 0.18
CA PRO A 67 -19.36 5.62 -0.06
C PRO A 67 -19.79 5.28 -1.49
N CYS A 68 -18.90 4.66 -2.28
CA CYS A 68 -19.22 4.29 -3.65
C CYS A 68 -19.88 2.92 -3.68
N LEU A 69 -19.91 2.24 -2.54
CA LEU A 69 -20.39 0.88 -2.46
C LEU A 69 -21.69 0.70 -3.25
N ASN A 70 -21.80 -0.47 -3.90
CA ASN A 70 -23.03 -0.89 -4.56
C ASN A 70 -23.98 -1.41 -3.49
N PRO A 71 -25.16 -0.78 -3.30
CA PRO A 71 -26.09 -1.14 -2.24
C PRO A 71 -26.53 -2.59 -2.33
N ASP A 72 -26.48 -3.14 -3.54
CA ASP A 72 -26.94 -4.49 -3.81
C ASP A 72 -25.91 -5.53 -3.36
N THR A 73 -24.61 -5.21 -3.48
CA THR A 73 -23.59 -6.22 -3.26
C THR A 73 -22.72 -5.88 -2.05
N GLY A 74 -22.54 -4.60 -1.74
CA GLY A 74 -21.64 -4.19 -0.68
C GLY A 74 -20.21 -4.02 -1.17
N HIS A 75 -20.01 -4.17 -2.49
CA HIS A 75 -18.70 -4.01 -3.12
C HIS A 75 -18.47 -2.59 -3.59
N PRO A 76 -17.24 -2.08 -3.42
CA PRO A 76 -16.85 -0.80 -4.01
C PRO A 76 -16.96 -0.83 -5.53
N ARG A 77 -17.00 0.34 -6.14
CA ARG A 77 -16.99 0.42 -7.59
C ARG A 77 -15.56 0.14 -8.05
N VAL A 78 -15.46 -0.75 -9.04
CA VAL A 78 -14.20 -1.23 -9.60
C VAL A 78 -13.25 -0.07 -9.87
N ASP A 79 -13.75 0.96 -10.56
CA ASP A 79 -12.87 2.04 -10.99
C ASP A 79 -13.18 3.33 -10.27
N CYS A 80 -13.59 3.23 -9.00
CA CYS A 80 -13.81 4.42 -8.20
C CYS A 80 -12.50 5.20 -8.11
N PRO A 81 -12.48 6.52 -8.44
CA PRO A 81 -11.26 7.31 -8.32
C PRO A 81 -10.81 7.59 -6.88
N ARG A 82 -11.72 7.44 -5.92
CA ARG A 82 -11.36 7.69 -4.53
C ARG A 82 -10.67 6.49 -3.90
N CYS A 83 -11.22 5.29 -4.12
CA CYS A 83 -10.70 4.11 -3.43
C CYS A 83 -10.18 3.06 -4.40
N HIS A 84 -10.35 3.28 -5.71
CA HIS A 84 -9.85 2.36 -6.74
C HIS A 84 -10.44 0.96 -6.58
N GLY A 85 -11.64 0.87 -5.98
CA GLY A 85 -12.28 -0.42 -5.78
C GLY A 85 -11.96 -1.08 -4.45
N LYS A 86 -11.15 -0.47 -3.58
CA LYS A 86 -10.76 -1.15 -2.34
C LYS A 86 -11.64 -0.74 -1.15
N GLY A 87 -12.41 0.34 -1.28
CA GLY A 87 -13.47 0.64 -0.31
C GLY A 87 -13.02 1.54 0.83
N ILE A 88 -11.74 1.92 0.81
CA ILE A 88 -11.20 2.89 1.74
C ILE A 88 -10.58 4.03 0.95
N ALA A 89 -10.95 5.26 1.34
CA ALA A 89 -10.51 6.48 0.68
C ALA A 89 -9.80 7.35 1.71
N TYR A 90 -9.08 8.36 1.20
CA TYR A 90 -8.17 9.13 2.01
C TYR A 90 -8.31 10.63 1.72
N LEU A 91 -8.15 11.43 2.78
CA LEU A 91 -8.15 12.87 2.66
C LEU A 91 -6.72 13.32 2.35
N PRO A 92 -6.52 14.59 1.93
CA PRO A 92 -5.20 15.05 1.49
C PRO A 92 -4.08 14.83 2.50
N PRO A 93 -2.87 14.46 2.04
CA PRO A 93 -1.79 14.12 2.96
C PRO A 93 -1.24 15.32 3.73
N LYS A 94 -0.70 15.07 4.94
CA LYS A 94 -0.10 16.06 5.79
C LYS A 94 1.22 15.49 6.32
N GLU A 95 2.24 16.34 6.45
CA GLU A 95 3.57 15.90 6.86
C GLU A 95 3.70 15.78 8.36
N THR A 96 4.50 14.82 8.80
CA THR A 96 4.85 14.70 10.20
C THR A 96 6.17 13.93 10.27
N ILE A 97 6.59 13.62 11.48
CA ILE A 97 7.78 12.85 11.74
C ILE A 97 7.35 11.65 12.56
N MET A 98 7.81 10.46 12.18
CA MET A 98 7.40 9.25 12.86
C MET A 98 8.62 8.34 13.04
N ALA A 99 8.83 7.88 14.27
CA ALA A 99 9.80 6.84 14.55
C ALA A 99 9.14 5.50 14.24
N ILE A 100 9.82 4.67 13.47
CA ILE A 100 9.32 3.35 13.09
C ILE A 100 10.27 2.29 13.66
N GLN A 101 9.71 1.30 14.39
CA GLN A 101 10.51 0.25 14.98
C GLN A 101 9.85 -1.11 14.74
N SER A 102 10.67 -2.17 14.78
CA SER A 102 10.15 -3.52 14.69
C SER A 102 10.47 -4.29 15.97
N GLN A 103 11.18 -3.64 16.91
CA GLN A 103 11.56 -4.26 18.16
C GLN A 103 11.43 -3.24 19.29
N GLU A 104 10.92 -3.68 20.44
CA GLU A 104 10.86 -2.85 21.63
C GLU A 104 10.62 -3.72 22.85
N LYS A 105 10.77 -3.14 24.05
CA LYS A 105 10.60 -3.91 25.27
C LYS A 105 9.23 -4.59 25.25
N GLY A 106 8.25 -3.87 24.67
CA GLY A 106 6.89 -4.35 24.57
C GLY A 106 6.76 -5.62 23.72
N THR A 107 7.81 -5.98 22.97
CA THR A 107 7.80 -7.20 22.17
C THR A 107 8.89 -8.14 22.66
N ASN A 108 9.51 -7.80 23.79
CA ASN A 108 10.57 -8.63 24.37
C ASN A 108 11.80 -8.50 23.47
N GLN A 109 11.86 -7.36 22.75
CA GLN A 109 12.92 -7.07 21.79
C GLN A 109 12.89 -8.07 20.63
N LEU A 110 11.80 -8.84 20.52
CA LEU A 110 11.57 -9.68 19.34
C LEU A 110 11.16 -8.79 18.18
N ASP A 111 11.51 -9.24 16.96
CA ASP A 111 11.21 -8.51 15.74
C ASP A 111 9.80 -8.87 15.30
N ILE A 112 8.86 -7.95 15.54
CA ILE A 112 7.46 -8.19 15.22
C ILE A 112 7.28 -8.38 13.70
N GLY A 113 8.20 -7.84 12.90
CA GLY A 113 8.17 -8.01 11.45
C GLY A 113 8.51 -9.44 11.02
N ILE A 114 9.25 -10.17 11.86
CA ILE A 114 9.54 -11.58 11.63
C ILE A 114 8.35 -12.39 12.15
N LEU A 115 7.83 -12.00 13.31
CA LEU A 115 6.69 -12.68 13.89
C LEU A 115 5.50 -12.55 12.94
N ASP A 116 5.31 -11.38 12.33
CA ASP A 116 4.14 -11.16 11.51
C ASP A 116 4.49 -10.25 10.34
N THR A 117 4.55 -10.82 9.13
CA THR A 117 5.05 -10.10 7.97
C THR A 117 4.37 -8.73 7.83
N GLY A 118 5.20 -7.71 7.70
CA GLY A 118 4.73 -6.38 7.37
C GLY A 118 4.22 -5.59 8.58
N THR A 119 4.59 -6.03 9.79
CA THR A 119 4.13 -5.36 10.99
C THR A 119 5.26 -4.50 11.53
N ALA A 120 4.90 -3.29 11.96
CA ALA A 120 5.84 -2.39 12.61
C ALA A 120 5.08 -1.53 13.61
N ILE A 121 5.83 -0.82 14.44
CA ILE A 121 5.27 0.07 15.44
C ILE A 121 5.72 1.49 15.09
N GLY A 122 4.76 2.41 14.99
CA GLY A 122 5.08 3.80 14.69
C GLY A 122 4.74 4.70 15.86
N THR A 123 5.56 5.72 16.07
CA THR A 123 5.32 6.71 17.12
C THR A 123 5.44 8.09 16.49
N THR A 124 4.42 8.94 16.72
CA THR A 124 4.38 10.23 16.08
C THR A 124 3.57 11.22 16.90
N GLN A 125 3.73 12.51 16.58
CA GLN A 125 2.94 13.59 17.13
C GLN A 125 2.16 14.23 15.99
N LEU A 126 0.92 14.60 16.27
CA LEU A 126 0.08 15.21 15.25
C LEU A 126 -1.06 15.94 15.95
N GLU A 127 -1.57 16.98 15.28
CA GLU A 127 -2.59 17.83 15.85
C GLU A 127 -3.92 17.08 15.95
N LYS A 128 -4.09 16.06 15.11
CA LYS A 128 -5.35 15.32 15.08
C LYS A 128 -5.12 13.90 15.55
N ARG A 129 -6.21 13.28 16.03
CA ARG A 129 -6.19 11.89 16.44
C ARG A 129 -6.03 10.99 15.21
N ILE A 130 -4.95 10.21 15.22
CA ILE A 130 -4.71 9.24 14.17
C ILE A 130 -5.63 8.05 14.42
N SER A 131 -6.15 7.47 13.32
CA SER A 131 -7.13 6.41 13.40
C SER A 131 -6.68 5.17 12.63
N TYR A 132 -7.40 4.07 12.92
CA TYR A 132 -7.31 2.82 12.19
C TYR A 132 -7.55 3.14 10.73
N ARG A 133 -6.82 2.45 9.83
CA ARG A 133 -7.01 2.55 8.39
C ARG A 133 -6.28 3.76 7.78
N ASP A 134 -5.92 4.77 8.59
CA ASP A 134 -5.15 5.89 8.06
C ASP A 134 -3.86 5.36 7.45
N ARG A 135 -3.30 6.10 6.48
CA ARG A 135 -2.14 5.63 5.75
C ARG A 135 -0.97 6.59 5.92
N PHE A 136 0.22 6.00 6.15
CA PHE A 136 1.48 6.71 6.25
C PHE A 136 2.35 6.39 5.05
N THR A 137 3.00 7.44 4.52
CA THR A 137 3.89 7.33 3.38
C THR A 137 5.27 7.77 3.83
N VAL A 138 6.30 6.99 3.48
CA VAL A 138 7.68 7.35 3.73
C VAL A 138 8.28 7.71 2.37
N PRO A 139 8.20 8.98 1.94
CA PRO A 139 8.54 9.35 0.58
C PRO A 139 9.95 8.91 0.14
N GLU A 140 10.92 8.93 1.07
CA GLU A 140 12.29 8.68 0.67
C GLU A 140 12.63 7.18 0.65
N VAL A 141 11.66 6.30 0.86
CA VAL A 141 11.96 4.87 0.77
C VAL A 141 11.15 4.25 -0.35
N LEU A 142 11.86 3.63 -1.29
CA LEU A 142 11.24 2.91 -2.38
C LEU A 142 11.32 1.40 -2.10
N MET A 143 10.16 0.74 -2.28
CA MET A 143 10.02 -0.69 -2.06
C MET A 143 9.74 -1.34 -3.40
N PRO A 144 10.00 -2.66 -3.53
CA PRO A 144 9.72 -3.40 -4.77
C PRO A 144 8.42 -4.17 -4.72
N GLN A 145 7.99 -4.62 -5.90
CA GLN A 145 6.88 -5.55 -6.04
C GLN A 145 6.91 -6.11 -7.45
N GLN A 146 6.30 -7.29 -7.62
CA GLN A 146 6.17 -7.92 -8.92
C GLN A 146 4.70 -8.31 -9.11
N MET A 147 4.20 -8.26 -10.35
CA MET A 147 2.80 -8.56 -10.63
C MET A 147 2.68 -9.05 -12.07
N ILE A 148 1.59 -9.76 -12.37
CA ILE A 148 1.43 -10.35 -13.69
C ILE A 148 -0.06 -10.42 -14.03
N TYR A 149 -0.39 -10.19 -15.31
CA TYR A 149 -1.77 -10.05 -15.72
C TYR A 149 -2.00 -10.57 -17.13
N PHE A 150 -3.18 -11.13 -17.36
CA PHE A 150 -3.63 -11.43 -18.71
C PHE A 150 -4.34 -10.20 -19.27
N VAL A 151 -3.84 -9.69 -20.40
CA VAL A 151 -4.30 -8.41 -20.93
C VAL A 151 -5.47 -8.60 -21.88
N ASN A 152 -6.68 -8.34 -21.40
CA ASN A 152 -7.87 -8.43 -22.22
C ASN A 152 -8.18 -7.04 -22.79
N LYS A 153 -9.27 -6.92 -23.54
CA LYS A 153 -9.61 -5.68 -24.22
C LYS A 153 -9.99 -4.59 -23.21
N ASP A 154 -10.66 -4.98 -22.14
CA ASP A 154 -10.96 -4.07 -21.03
C ASP A 154 -9.69 -3.46 -20.44
N ARG A 155 -8.68 -4.29 -20.19
CA ARG A 155 -7.43 -3.82 -19.60
C ARG A 155 -6.68 -2.88 -20.53
N ILE A 156 -6.78 -3.09 -21.85
CA ILE A 156 -6.19 -2.16 -22.80
C ILE A 156 -6.89 -0.80 -22.67
N LYS A 157 -8.21 -0.84 -22.60
CA LYS A 157 -9.04 0.35 -22.62
C LYS A 157 -8.91 1.13 -21.30
N LYS A 158 -9.09 0.46 -20.17
CA LYS A 158 -9.20 1.17 -18.91
C LYS A 158 -7.85 1.26 -18.20
N GLY A 159 -6.89 0.45 -18.65
CA GLY A 159 -5.61 0.32 -17.97
C GLY A 159 -5.73 -0.66 -16.81
N ILE A 160 -4.58 -1.13 -16.32
CA ILE A 160 -4.53 -2.06 -15.20
C ILE A 160 -4.09 -1.29 -13.96
N PRO A 161 -4.94 -1.20 -12.91
CA PRO A 161 -4.54 -0.50 -11.68
C PRO A 161 -3.46 -1.28 -10.92
N LEU A 162 -2.44 -0.56 -10.45
CA LEU A 162 -1.32 -1.16 -9.75
C LEU A 162 -1.45 -0.99 -8.23
N TYR A 163 -2.27 -0.03 -7.80
CA TYR A 163 -2.67 0.23 -6.42
C TYR A 163 -1.57 0.95 -5.63
N TYR A 164 -0.30 0.66 -5.91
CA TYR A 164 0.79 1.32 -5.22
C TYR A 164 1.07 2.69 -5.83
N ASP A 165 1.86 3.48 -5.11
CA ASP A 165 2.33 4.75 -5.61
C ASP A 165 3.58 4.48 -6.44
N VAL A 166 3.37 4.16 -7.72
CA VAL A 166 4.42 3.63 -8.58
C VAL A 166 5.41 4.73 -8.94
N LYS A 167 6.69 4.49 -8.69
CA LYS A 167 7.73 5.47 -8.99
C LYS A 167 8.61 5.04 -10.16
N GLU A 168 8.70 3.73 -10.43
CA GLU A 168 9.54 3.25 -11.52
C GLU A 168 9.14 1.84 -11.93
N ILE A 169 9.25 1.59 -13.24
CA ILE A 169 9.15 0.27 -13.82
C ILE A 169 10.56 -0.24 -14.06
N THR A 170 10.96 -1.27 -13.30
CA THR A 170 12.31 -1.80 -13.35
C THR A 170 12.38 -2.93 -14.38
N TYR A 171 11.24 -3.54 -14.69
CA TYR A 171 11.21 -4.58 -15.69
C TYR A 171 9.77 -4.80 -16.18
N ILE A 172 9.62 -4.98 -17.49
CA ILE A 172 8.30 -5.24 -18.07
C ILE A 172 8.48 -6.03 -19.36
N ALA A 173 7.68 -7.10 -19.50
CA ALA A 173 7.77 -8.02 -20.62
C ALA A 173 6.48 -8.81 -20.77
N THR A 174 6.32 -9.43 -21.96
CA THR A 174 5.31 -10.43 -22.22
C THR A 174 6.01 -11.73 -22.59
N GLN A 175 5.25 -12.74 -23.04
CA GLN A 175 5.85 -13.95 -23.57
C GLN A 175 6.70 -13.60 -24.79
N ASP A 176 6.42 -12.47 -25.44
CA ASP A 176 7.12 -12.10 -26.67
C ASP A 176 8.42 -11.35 -26.38
N GLY A 177 8.73 -11.08 -25.12
CA GLY A 177 9.94 -10.35 -24.77
C GLY A 177 9.64 -8.99 -24.12
N THR A 178 10.67 -8.14 -24.06
CA THR A 178 10.64 -6.85 -23.41
C THR A 178 9.59 -5.94 -24.03
N VAL A 179 8.80 -5.26 -23.19
CA VAL A 179 7.88 -4.25 -23.68
C VAL A 179 8.63 -2.94 -23.67
N TYR A 180 8.84 -2.36 -24.87
CA TYR A 180 9.55 -1.10 -24.99
C TYR A 180 8.67 0.05 -24.53
N GLU A 181 9.34 1.14 -24.14
CA GLU A 181 8.67 2.27 -23.49
C GLU A 181 7.60 2.87 -24.38
N GLU A 182 7.76 2.85 -25.71
CA GLU A 182 6.75 3.50 -26.53
C GLU A 182 5.46 2.67 -26.55
N ASP A 183 5.54 1.43 -26.05
CA ASP A 183 4.39 0.54 -26.08
C ASP A 183 3.63 0.50 -24.75
N TYR A 184 4.05 1.30 -23.75
CA TYR A 184 3.24 1.38 -22.54
C TYR A 184 3.34 2.77 -21.90
N GLU A 185 2.46 3.00 -20.92
CA GLU A 185 2.62 4.15 -20.06
C GLU A 185 1.93 3.91 -18.72
N ILE A 186 2.47 4.59 -17.71
CA ILE A 186 1.94 4.57 -16.36
C ILE A 186 1.24 5.90 -16.14
N LYS A 187 -0.06 5.86 -15.94
CA LYS A 187 -0.84 7.07 -15.72
C LYS A 187 -1.80 6.77 -14.57
N ASN A 188 -1.86 7.69 -13.60
CA ASN A 188 -2.73 7.54 -12.45
C ASN A 188 -2.54 6.15 -11.82
N ASN A 189 -1.28 5.70 -11.76
CA ASN A 189 -0.94 4.41 -11.17
C ASN A 189 -1.66 3.26 -11.87
N ARG A 190 -1.82 3.39 -13.19
CA ARG A 190 -2.35 2.32 -14.02
C ARG A 190 -1.37 2.04 -15.15
N LEU A 191 -1.28 0.76 -15.53
CA LEU A 191 -0.53 0.34 -16.70
C LEU A 191 -1.44 0.37 -17.92
N TYR A 192 -1.11 1.24 -18.87
CA TYR A 192 -1.74 1.31 -20.18
C TYR A 192 -0.81 0.71 -21.23
N LEU A 193 -1.23 -0.40 -21.82
CA LEU A 193 -0.45 -1.08 -22.83
C LEU A 193 -1.00 -0.79 -24.23
N ASN A 194 -0.08 -0.84 -25.21
CA ASN A 194 -0.46 -0.74 -26.60
C ASN A 194 -1.38 -1.91 -26.93
N GLU A 195 -2.35 -1.65 -27.79
CA GLU A 195 -3.41 -2.59 -28.10
C GLU A 195 -2.87 -3.87 -28.74
N LYS A 196 -1.63 -3.86 -29.25
CA LYS A 196 -1.09 -5.08 -29.81
C LYS A 196 -0.87 -6.14 -28.73
N TYR A 197 -0.86 -5.72 -27.45
CA TYR A 197 -0.62 -6.67 -26.37
C TYR A 197 -1.91 -7.27 -25.82
N GLU A 198 -3.02 -7.06 -26.53
CA GLU A 198 -4.25 -7.75 -26.15
C GLU A 198 -3.98 -9.26 -26.29
N ASN A 199 -4.53 -10.01 -25.33
CA ASN A 199 -4.42 -11.47 -25.31
C ASN A 199 -2.98 -11.92 -25.07
N HIS A 200 -2.14 -11.02 -24.56
CA HIS A 200 -0.83 -11.42 -24.06
C HIS A 200 -0.86 -11.40 -22.55
N THR A 201 0.16 -12.02 -21.95
CA THR A 201 0.44 -11.93 -20.53
C THR A 201 1.58 -10.94 -20.33
N VAL A 202 1.35 -9.93 -19.47
CA VAL A 202 2.38 -8.95 -19.15
C VAL A 202 2.85 -9.22 -17.73
N THR A 203 4.17 -9.18 -17.53
CA THR A 203 4.77 -9.30 -16.22
C THR A 203 5.49 -7.99 -15.94
N LEU A 204 5.53 -7.59 -14.67
CA LEU A 204 5.96 -6.25 -14.28
C LEU A 204 6.70 -6.29 -12.95
N LYS A 205 7.82 -5.55 -12.87
CA LYS A 205 8.52 -5.31 -11.62
C LYS A 205 8.64 -3.82 -11.43
N ILE A 206 8.37 -3.35 -10.20
CA ILE A 206 8.27 -1.91 -9.95
C ILE A 206 9.01 -1.52 -8.69
N LEU A 207 9.20 -0.21 -8.56
CA LEU A 207 9.53 0.45 -7.31
C LEU A 207 8.35 1.38 -6.98
N MET A 208 7.99 1.43 -5.70
CA MET A 208 6.85 2.19 -5.25
C MET A 208 7.28 2.81 -3.92
N THR A 209 6.53 3.80 -3.45
CA THR A 209 6.80 4.41 -2.16
C THR A 209 6.41 3.46 -1.03
N LEU A 210 7.23 3.39 0.01
CA LEU A 210 6.91 2.65 1.21
C LEU A 210 5.69 3.27 1.88
N ARG A 211 4.66 2.45 2.17
CA ARG A 211 3.47 2.93 2.85
C ARG A 211 2.96 1.90 3.84
N TYR A 212 2.34 2.41 4.91
CA TYR A 212 1.71 1.60 5.93
C TYR A 212 0.28 2.07 6.16
N VAL A 213 -0.55 1.18 6.66
CA VAL A 213 -1.87 1.56 7.15
C VAL A 213 -1.94 1.16 8.63
N VAL A 214 -2.72 1.92 9.41
CA VAL A 214 -2.84 1.71 10.84
C VAL A 214 -3.76 0.53 11.11
N SER A 215 -3.27 -0.48 11.83
CA SER A 215 -4.14 -1.57 12.22
C SER A 215 -4.64 -1.34 13.65
N ASP A 216 -3.86 -0.60 14.46
CA ASP A 216 -4.31 -0.39 15.82
C ASP A 216 -3.67 0.85 16.45
N ILE A 217 -4.31 1.30 17.53
CA ILE A 217 -3.79 2.31 18.43
C ILE A 217 -3.30 1.61 19.70
N LEU A 218 -2.10 1.98 20.18
CA LEU A 218 -1.51 1.39 21.37
C LEU A 218 -1.33 2.47 22.45
N LYS A 219 -1.30 2.04 23.71
CA LYS A 219 -1.14 2.95 24.84
C LYS A 219 -2.13 4.10 24.79
N GLU A 220 -3.40 3.82 24.49
CA GLU A 220 -4.37 4.87 24.22
C GLU A 220 -4.59 5.81 25.42
N SER A 221 -4.19 5.42 26.63
CA SER A 221 -4.49 6.25 27.80
C SER A 221 -3.24 6.99 28.26
N ARG A 222 -2.07 6.41 28.00
CA ARG A 222 -0.81 7.04 28.35
C ARG A 222 -0.72 8.36 27.59
N TYR A 223 0.09 9.30 28.13
CA TYR A 223 0.29 10.61 27.51
C TYR A 223 -1.04 11.39 27.54
N ASN A 237 0.50 18.47 21.46
CA ASN A 237 0.67 17.26 20.61
C ASN A 237 1.36 16.16 21.42
N LEU A 238 0.54 15.30 22.03
CA LEU A 238 1.07 14.17 22.76
C LEU A 238 1.42 13.05 21.77
N PRO A 239 2.38 12.18 22.12
CA PRO A 239 2.76 11.08 21.25
C PRO A 239 1.57 10.19 20.97
N GLN A 240 1.50 9.69 19.74
CA GLN A 240 0.53 8.67 19.39
C GLN A 240 1.32 7.46 18.92
N LYS A 241 0.94 6.29 19.44
CA LYS A 241 1.66 5.06 19.14
C LYS A 241 0.72 4.13 18.40
N LEU A 242 1.23 3.58 17.28
CA LEU A 242 0.41 2.87 16.31
C LEU A 242 1.02 1.53 15.93
N LEU A 243 0.15 0.53 15.75
CA LEU A 243 0.55 -0.71 15.10
C LEU A 243 0.32 -0.52 13.61
N LEU A 244 1.39 -0.73 12.82
CA LEU A 244 1.34 -0.47 11.38
C LEU A 244 1.34 -1.77 10.59
N LYS A 245 0.76 -1.74 9.39
CA LYS A 245 0.81 -2.86 8.46
C LYS A 245 1.34 -2.35 7.13
N ARG A 246 2.49 -2.91 6.71
CA ARG A 246 3.11 -2.50 5.46
C ARG A 246 2.14 -2.84 4.33
N GLU A 247 2.09 -1.95 3.34
CA GLU A 247 1.09 -1.96 2.29
C GLU A 247 1.08 -3.27 1.49
N ASP A 248 2.27 -3.79 1.22
CA ASP A 248 2.40 -4.94 0.33
C ASP A 248 1.83 -6.20 0.95
N VAL A 249 1.46 -6.14 2.23
CA VAL A 249 0.89 -7.30 2.89
C VAL A 249 -0.64 -7.18 2.91
N ILE A 250 -1.17 -6.05 2.46
CA ILE A 250 -2.61 -5.82 2.42
C ILE A 250 -3.10 -5.79 0.97
N VAL A 251 -2.35 -5.11 0.10
CA VAL A 251 -2.79 -4.90 -1.27
C VAL A 251 -2.84 -6.22 -2.02
N LEU A 252 -3.98 -6.48 -2.67
CA LEU A 252 -4.11 -7.63 -3.54
C LEU A 252 -4.13 -7.15 -5.00
N GLN A 253 -3.19 -7.64 -5.82
CA GLN A 253 -3.15 -7.25 -7.24
C GLN A 253 -4.45 -7.69 -7.88
N ASP A 254 -4.87 -6.99 -8.94
CA ASP A 254 -5.99 -7.50 -9.74
C ASP A 254 -5.67 -8.92 -10.21
N PRO A 255 -6.67 -9.79 -10.37
CA PRO A 255 -6.42 -11.19 -10.71
C PRO A 255 -5.78 -11.37 -12.08
N TYR A 256 -5.04 -12.49 -12.23
CA TYR A 256 -4.34 -12.81 -13.46
C TYR A 256 -5.33 -12.74 -14.61
N LYS A 257 -6.45 -13.46 -14.49
CA LYS A 257 -7.47 -13.48 -15.52
C LYS A 257 -8.87 -13.44 -14.90
N VAL A 258 -9.77 -12.71 -15.56
CA VAL A 258 -11.11 -12.47 -15.06
C VAL A 258 -12.09 -13.47 -15.68
N ASN A 259 -13.03 -13.95 -14.86
CA ASN A 259 -14.09 -14.83 -15.33
C ASN A 259 -15.43 -14.13 -15.20
N ASP A 260 -16.30 -14.36 -16.19
CA ASP A 260 -17.54 -13.63 -16.35
C ASP A 260 -18.65 -14.25 -15.51
N GLU A 263 -18.67 -16.31 -11.60
CA GLU A 263 -17.56 -17.31 -11.60
C GLU A 263 -16.28 -16.69 -11.05
N GLU A 264 -15.46 -17.52 -10.38
CA GLU A 264 -14.27 -17.03 -9.71
C GLU A 264 -13.20 -16.63 -10.72
N ASP A 265 -12.43 -15.60 -10.37
CA ASP A 265 -11.33 -15.15 -11.21
C ASP A 265 -10.16 -16.13 -11.05
N LEU A 266 -9.32 -16.20 -12.07
CA LEU A 266 -8.21 -17.13 -12.10
C LEU A 266 -6.93 -16.45 -11.62
N GLU A 267 -6.34 -17.01 -10.57
CA GLU A 267 -5.07 -16.52 -10.05
C GLU A 267 -3.97 -17.39 -10.64
N ILE A 268 -2.72 -16.89 -10.62
CA ILE A 268 -1.61 -17.64 -11.16
C ILE A 268 -1.40 -18.87 -10.30
N GLN A 269 -1.11 -20.00 -10.94
CA GLN A 269 -0.83 -21.24 -10.23
C GLN A 269 0.67 -21.40 -10.10
N VAL A 270 1.22 -20.63 -9.15
CA VAL A 270 2.65 -20.50 -8.92
C VAL A 270 2.89 -20.47 -7.42
N ASP A 271 3.87 -21.25 -6.94
CA ASP A 271 4.26 -21.22 -5.54
C ASP A 271 5.08 -19.94 -5.28
N ASP A 272 4.51 -19.06 -4.47
CA ASP A 272 5.10 -17.76 -4.20
C ASP A 272 5.74 -17.81 -2.82
N PRO A 273 7.05 -17.54 -2.68
CA PRO A 273 7.70 -17.58 -1.37
C PRO A 273 7.53 -16.30 -0.55
N LYS A 274 6.87 -15.28 -1.12
CA LYS A 274 6.61 -14.08 -0.33
C LYS A 274 5.85 -14.47 0.94
N ALA A 275 6.32 -14.02 2.10
CA ALA A 275 5.68 -14.38 3.35
C ALA A 275 4.21 -13.92 3.34
N SER A 276 3.32 -14.80 3.84
CA SER A 276 1.89 -14.53 3.89
C SER A 276 1.52 -13.80 5.19
ZN ZN B . -14.87 4.15 -3.77
#